data_3PH4
#
_entry.id   3PH4
#
_cell.length_a   69.134
_cell.length_b   69.134
_cell.length_c   154.284
_cell.angle_alpha   90.00
_cell.angle_beta   90.00
_cell.angle_gamma   120.00
#
_symmetry.space_group_name_H-M   'P 32 2 1'
#
loop_
_entity.id
_entity.type
_entity.pdbx_description
1 polymer 'Ribose-5-phosphate isomerase'
2 non-polymer D-ALLOSE
3 water water
#
_entity_poly.entity_id   1
_entity_poly.type   'polypeptide(L)'
_entity_poly.pdbx_seq_one_letter_code
;MGSSHHHHHHSSGLVPRGSHMKIGIGSDHGGYNLKREIADFLKKRGYEVIDFGTHGNESVDYPDFGLKVAEAVKSGECDR
GIVICGTGLGISIAANKVPGIRAAVCTNSYMARMSREHNDANILALGERVVGLDLALDIVDTWLKAEFQGGRHATRVGKI
GEIEKKYSK
;
_entity_poly.pdbx_strand_id   A,B
#
# COMPACT_ATOMS: atom_id res chain seq x y z
N MET A 21 10.03 0.47 -22.25
CA MET A 21 8.57 0.37 -21.98
C MET A 21 7.93 1.75 -21.77
N LYS A 22 6.61 1.81 -21.66
CA LYS A 22 6.02 3.12 -21.41
C LYS A 22 5.48 3.20 -19.99
N ILE A 23 5.75 4.34 -19.38
CA ILE A 23 5.52 4.52 -17.95
C ILE A 23 4.48 5.62 -17.81
N GLY A 24 3.35 5.30 -17.20
CA GLY A 24 2.41 6.33 -16.80
C GLY A 24 2.77 6.91 -15.42
N ILE A 25 2.60 8.22 -15.25
CA ILE A 25 2.83 8.87 -13.98
C ILE A 25 1.72 9.81 -13.61
N GLY A 26 1.42 9.90 -12.32
CA GLY A 26 0.37 10.87 -11.90
C GLY A 26 0.58 11.24 -10.47
N SER A 27 -0.06 12.32 -10.04
CA SER A 27 0.18 12.77 -8.64
C SER A 27 -0.99 13.64 -8.26
N ASP A 28 -1.16 13.85 -6.94
CA ASP A 28 -1.91 15.05 -6.53
C ASP A 28 -0.94 16.25 -6.40
N HIS A 29 -1.38 17.37 -5.78
CA HIS A 29 -0.53 18.55 -5.62
C HIS A 29 0.57 18.20 -4.57
N GLY A 30 0.30 17.30 -3.61
CA GLY A 30 1.33 16.73 -2.68
C GLY A 30 2.53 15.99 -3.35
N GLY A 31 2.31 15.43 -4.55
CA GLY A 31 3.35 14.68 -5.29
C GLY A 31 3.78 15.35 -6.59
N TYR A 32 3.30 16.56 -6.85
CA TYR A 32 3.55 17.25 -8.14
C TYR A 32 5.00 17.59 -8.51
N ASN A 33 5.76 18.11 -7.54
CA ASN A 33 7.17 18.50 -7.79
C ASN A 33 8.13 17.28 -8.00
N LEU A 34 7.89 16.24 -7.20
CA LEU A 34 8.63 15.01 -7.35
C LEU A 34 8.22 14.35 -8.70
N LYS A 35 6.94 14.38 -9.07
CA LYS A 35 6.51 13.90 -10.40
C LYS A 35 7.29 14.56 -11.54
N ARG A 36 7.45 15.87 -11.47
CA ARG A 36 8.19 16.61 -12.50
C ARG A 36 9.63 16.08 -12.54
N GLU A 37 10.25 15.93 -11.37
CA GLU A 37 11.61 15.33 -11.32
C GLU A 37 11.71 13.95 -11.85
N ILE A 38 10.74 13.08 -11.53
CA ILE A 38 10.81 11.68 -12.03
C ILE A 38 10.56 11.63 -13.59
N ALA A 39 9.60 12.42 -14.09
CA ALA A 39 9.28 12.51 -15.54
C ALA A 39 10.58 12.78 -16.28
N ASP A 40 11.28 13.85 -15.85
CA ASP A 40 12.60 14.29 -16.40
C ASP A 40 13.64 13.18 -16.33
N PHE A 41 13.78 12.54 -15.16
CA PHE A 41 14.65 11.36 -15.00
C PHE A 41 14.35 10.22 -15.99
N LEU A 42 13.06 9.89 -16.14
CA LEU A 42 12.66 8.79 -17.02
C LEU A 42 12.93 9.07 -18.54
N LYS A 43 12.61 10.28 -18.98
CA LYS A 43 12.85 10.71 -20.37
C LYS A 43 14.36 10.64 -20.69
N LYS A 44 15.20 11.27 -19.87
CA LYS A 44 16.67 11.12 -19.95
C LYS A 44 17.11 9.70 -20.15
N ARG A 45 16.37 8.76 -19.60
CA ARG A 45 16.75 7.34 -19.74
C ARG A 45 16.07 6.69 -20.97
N GLY A 46 15.35 7.50 -21.73
CA GLY A 46 14.73 7.03 -22.95
C GLY A 46 13.43 6.27 -22.78
N TYR A 47 12.75 6.42 -21.63
CA TYR A 47 11.43 5.83 -21.49
C TYR A 47 10.48 6.75 -22.10
N GLU A 48 9.38 6.21 -22.60
CA GLU A 48 8.27 7.07 -22.97
C GLU A 48 7.38 7.34 -21.74
N VAL A 49 7.07 8.59 -21.50
CA VAL A 49 6.34 8.98 -20.31
C VAL A 49 5.00 9.60 -20.68
N ILE A 50 3.93 9.04 -20.09
CA ILE A 50 2.63 9.62 -20.20
C ILE A 50 2.25 10.24 -18.84
N ASP A 51 2.19 11.57 -18.81
CA ASP A 51 1.90 12.33 -17.60
C ASP A 51 0.40 12.51 -17.47
N PHE A 52 -0.23 11.90 -16.47
CA PHE A 52 -1.68 12.06 -16.29
C PHE A 52 -2.14 13.24 -15.41
N GLY A 53 -1.21 14.16 -15.13
CA GLY A 53 -1.49 15.24 -14.17
C GLY A 53 -1.33 14.71 -12.72
N THR A 54 -1.53 15.55 -11.71
CA THR A 54 -2.02 16.88 -11.87
C THR A 54 -0.92 17.75 -12.47
N HIS A 55 -1.31 18.96 -12.84
CA HIS A 55 -0.47 19.81 -13.65
C HIS A 55 -0.07 21.09 -12.93
N GLY A 56 -0.41 21.23 -11.65
CA GLY A 56 0.11 22.32 -10.82
C GLY A 56 0.00 22.05 -9.32
N ASN A 57 0.14 23.11 -8.53
CA ASN A 57 0.10 23.02 -7.07
C ASN A 57 -1.27 23.26 -6.47
N GLU A 58 -2.26 23.58 -7.32
CA GLU A 58 -3.68 23.69 -6.92
C GLU A 58 -4.06 22.40 -6.20
N SER A 59 -4.83 22.56 -5.14
CA SER A 59 -5.25 21.46 -4.36
C SER A 59 -6.19 20.47 -5.18
N VAL A 60 -5.84 19.18 -5.25
CA VAL A 60 -6.64 18.18 -6.00
C VAL A 60 -6.77 16.87 -5.18
N ASP A 61 -7.53 15.93 -5.72
CA ASP A 61 -7.89 14.73 -4.97
C ASP A 61 -7.09 13.55 -5.51
N TYR A 62 -6.23 12.96 -4.66
CA TYR A 62 -5.36 11.83 -5.10
C TYR A 62 -6.11 10.63 -5.75
N PRO A 63 -7.39 10.30 -5.35
CA PRO A 63 -7.98 9.16 -6.08
C PRO A 63 -8.14 9.35 -7.60
N ASP A 64 -8.40 10.56 -8.07
CA ASP A 64 -8.66 10.80 -9.51
C ASP A 64 -7.40 10.46 -10.34
N PHE A 65 -6.24 10.84 -9.82
CA PHE A 65 -5.00 10.64 -10.54
C PHE A 65 -4.50 9.21 -10.39
N GLY A 66 -4.72 8.62 -9.21
CA GLY A 66 -4.44 7.20 -8.97
C GLY A 66 -5.23 6.36 -9.97
N LEU A 67 -6.52 6.66 -10.10
CA LEU A 67 -7.35 5.96 -11.07
C LEU A 67 -6.84 6.09 -12.50
N LYS A 68 -6.53 7.29 -12.97
CA LYS A 68 -6.04 7.46 -14.35
C LYS A 68 -4.83 6.55 -14.64
N VAL A 69 -3.85 6.55 -13.72
CA VAL A 69 -2.64 5.77 -13.94
C VAL A 69 -2.98 4.29 -13.89
N ALA A 70 -3.79 3.90 -12.90
CA ALA A 70 -4.15 2.53 -12.76
C ALA A 70 -4.93 2.04 -14.00
N GLU A 71 -5.91 2.79 -14.47
CA GLU A 71 -6.65 2.38 -15.68
C GLU A 71 -5.79 2.34 -16.94
N ALA A 72 -4.79 3.21 -17.03
CA ALA A 72 -3.88 3.16 -18.17
C ALA A 72 -2.98 1.93 -18.13
N VAL A 73 -2.66 1.46 -16.93
CA VAL A 73 -1.84 0.27 -16.80
C VAL A 73 -2.71 -0.96 -17.12
N LYS A 74 -3.92 -0.94 -16.59
CA LYS A 74 -4.89 -2.01 -16.84
C LYS A 74 -5.22 -2.17 -18.33
N SER A 75 -5.30 -1.08 -19.07
CA SER A 75 -5.70 -1.13 -20.46
C SER A 75 -4.49 -1.34 -21.38
N GLY A 76 -3.29 -1.46 -20.82
CA GLY A 76 -2.11 -1.67 -21.59
C GLY A 76 -1.60 -0.44 -22.29
N GLU A 77 -2.27 0.70 -22.13
CA GLU A 77 -1.74 1.90 -22.72
C GLU A 77 -0.40 2.35 -22.08
N CYS A 78 -0.14 1.97 -20.79
CA CYS A 78 1.18 2.08 -20.17
C CYS A 78 1.55 0.70 -19.77
N ASP A 79 2.83 0.37 -19.71
CA ASP A 79 3.15 -0.95 -19.15
C ASP A 79 3.22 -0.96 -17.61
N ARG A 80 3.58 0.16 -17.00
CA ARG A 80 3.76 0.29 -15.52
C ARG A 80 3.48 1.72 -15.22
N GLY A 81 3.21 2.02 -13.95
CA GLY A 81 2.89 3.40 -13.60
C GLY A 81 3.58 3.77 -12.31
N ILE A 82 3.70 5.07 -12.08
CA ILE A 82 4.30 5.58 -10.84
C ILE A 82 3.33 6.65 -10.33
N VAL A 83 2.91 6.56 -9.05
CA VAL A 83 1.91 7.51 -8.52
C VAL A 83 2.49 8.20 -7.29
N ILE A 84 2.24 9.48 -7.10
CA ILE A 84 2.98 10.15 -6.06
C ILE A 84 2.00 11.04 -5.29
N CYS A 85 2.05 11.03 -3.97
CA CYS A 85 1.30 12.03 -3.15
C CYS A 85 2.18 12.34 -1.95
N GLY A 86 1.64 12.93 -0.88
CA GLY A 86 2.49 13.34 0.23
C GLY A 86 3.20 12.11 0.76
N THR A 87 2.42 11.05 1.03
CA THR A 87 2.99 9.84 1.60
C THR A 87 3.07 8.65 0.66
N GLY A 88 2.36 8.72 -0.46
CA GLY A 88 2.11 7.56 -1.30
C GLY A 88 0.92 6.70 -0.87
N LEU A 89 0.33 6.97 0.30
CA LEU A 89 -0.62 5.96 0.85
C LEU A 89 -1.95 6.05 0.13
N GLY A 90 -2.51 7.26 0.05
CA GLY A 90 -3.86 7.39 -0.46
C GLY A 90 -3.94 6.98 -1.93
N ILE A 91 -3.01 7.45 -2.76
CA ILE A 91 -3.05 7.20 -4.15
C ILE A 91 -2.80 5.70 -4.46
N SER A 92 -2.05 5.02 -3.63
CA SER A 92 -1.78 3.62 -3.85
C SER A 92 -2.96 2.78 -3.36
N ILE A 93 -3.61 3.21 -2.30
CA ILE A 93 -4.82 2.50 -1.89
C ILE A 93 -5.89 2.61 -2.99
N ALA A 94 -6.06 3.80 -3.56
CA ALA A 94 -7.00 4.01 -4.62
C ALA A 94 -6.61 3.15 -5.89
N ALA A 95 -5.36 3.25 -6.29
CA ALA A 95 -4.84 2.41 -7.43
C ALA A 95 -5.17 0.91 -7.21
N ASN A 96 -4.97 0.42 -5.99
CA ASN A 96 -5.20 -0.94 -5.69
C ASN A 96 -6.65 -1.40 -5.73
N LYS A 97 -7.60 -0.46 -5.79
CA LYS A 97 -9.01 -0.83 -5.91
C LYS A 97 -9.35 -1.35 -7.33
N VAL A 98 -8.49 -1.05 -8.33
CA VAL A 98 -8.64 -1.56 -9.62
C VAL A 98 -8.08 -3.02 -9.80
N PRO A 99 -8.93 -3.91 -10.36
CA PRO A 99 -8.62 -5.34 -10.53
C PRO A 99 -7.40 -5.43 -11.49
N GLY A 100 -6.44 -6.29 -11.13
CA GLY A 100 -5.22 -6.36 -11.97
C GLY A 100 -4.12 -5.37 -11.62
N ILE A 101 -4.38 -4.46 -10.68
CA ILE A 101 -3.33 -3.48 -10.28
C ILE A 101 -2.73 -3.88 -8.96
N ARG A 102 -1.42 -3.76 -8.86
CA ARG A 102 -0.72 -4.11 -7.61
C ARG A 102 0.22 -2.95 -7.34
N ALA A 103 -0.24 -2.02 -6.47
CA ALA A 103 0.51 -0.75 -6.30
C ALA A 103 1.32 -0.86 -5.00
N ALA A 104 2.62 -0.62 -5.09
CA ALA A 104 3.50 -0.84 -3.95
C ALA A 104 4.03 0.48 -3.38
N VAL A 105 3.67 0.83 -2.14
CA VAL A 105 4.31 2.07 -1.62
C VAL A 105 5.69 1.75 -1.04
N CYS A 106 6.76 2.29 -1.67
CA CYS A 106 8.11 1.96 -1.23
C CYS A 106 8.85 3.18 -0.69
N THR A 107 9.56 2.98 0.41
CA THR A 107 10.33 4.06 1.01
C THR A 107 11.82 3.71 0.96
N ASN A 108 12.18 2.55 0.34
CA ASN A 108 13.62 2.22 0.15
C ASN A 108 13.71 1.28 -1.07
N SER A 109 14.92 1.10 -1.61
CA SER A 109 15.19 0.22 -2.79
C SER A 109 14.93 -1.24 -2.50
N TYR A 110 15.20 -1.67 -1.28
CA TYR A 110 14.86 -3.04 -0.90
C TYR A 110 13.35 -3.35 -1.15
N MET A 111 12.46 -2.47 -0.67
CA MET A 111 11.02 -2.69 -0.89
C MET A 111 10.74 -2.63 -2.37
N ALA A 112 11.36 -1.69 -3.06
CA ALA A 112 11.09 -1.57 -4.50
C ALA A 112 11.46 -2.86 -5.25
N ARG A 113 12.59 -3.46 -4.88
CA ARG A 113 13.03 -4.72 -5.53
C ARG A 113 12.07 -5.86 -5.20
N MET A 114 11.74 -6.04 -3.92
CA MET A 114 10.83 -7.06 -3.54
C MET A 114 9.43 -6.85 -4.16
N SER A 115 9.01 -5.61 -4.39
CA SER A 115 7.66 -5.44 -4.83
C SER A 115 7.58 -6.02 -6.32
N ARG A 116 8.71 -5.92 -7.03
CA ARG A 116 8.83 -6.53 -8.40
C ARG A 116 9.06 -8.04 -8.34
N GLU A 117 10.13 -8.47 -7.67
CA GLU A 117 10.42 -9.90 -7.51
C GLU A 117 9.32 -10.78 -6.96
N HIS A 118 8.62 -10.32 -5.92
CA HIS A 118 7.62 -11.13 -5.25
C HIS A 118 6.17 -10.77 -5.58
N ASN A 119 5.85 -9.48 -5.68
CA ASN A 119 4.43 -9.07 -5.80
C ASN A 119 4.10 -8.72 -7.27
N ASP A 120 5.09 -8.82 -8.16
CA ASP A 120 4.94 -8.39 -9.52
C ASP A 120 4.21 -7.04 -9.61
N ALA A 121 4.59 -6.07 -8.77
CA ALA A 121 3.88 -4.76 -8.74
C ALA A 121 3.89 -4.05 -10.08
N ASN A 122 2.79 -3.53 -10.55
CA ASN A 122 2.87 -2.79 -11.79
C ASN A 122 2.66 -1.30 -11.55
N ILE A 123 2.46 -0.90 -10.29
CA ILE A 123 2.53 0.54 -9.94
C ILE A 123 3.45 0.74 -8.70
N LEU A 124 4.32 1.73 -8.79
CA LEU A 124 5.17 2.17 -7.72
C LEU A 124 4.55 3.42 -7.07
N ALA A 125 4.37 3.41 -5.74
CA ALA A 125 3.84 4.61 -5.08
C ALA A 125 4.90 5.25 -4.18
N LEU A 126 5.01 6.56 -4.21
CA LEU A 126 6.03 7.27 -3.53
C LEU A 126 5.39 8.43 -2.75
N GLY A 127 6.02 8.84 -1.68
CA GLY A 127 5.49 10.04 -0.99
C GLY A 127 6.50 11.16 -0.97
N GLU A 128 6.17 12.25 -1.65
CA GLU A 128 7.07 13.38 -1.79
C GLU A 128 7.48 13.99 -0.42
N ARG A 129 6.63 13.88 0.61
CA ARG A 129 6.92 14.42 1.94
C ARG A 129 7.70 13.45 2.85
N VAL A 130 7.94 12.24 2.32
CA VAL A 130 8.57 11.20 3.11
C VAL A 130 9.98 10.91 2.59
N VAL A 131 10.14 10.73 1.27
CA VAL A 131 11.47 10.36 0.74
C VAL A 131 12.02 11.58 -0.02
N GLY A 132 13.30 11.94 0.18
CA GLY A 132 13.94 13.03 -0.56
C GLY A 132 14.18 12.63 -2.03
N LEU A 133 14.59 13.58 -2.85
CA LEU A 133 14.59 13.40 -4.28
C LEU A 133 15.56 12.24 -4.64
N ASP A 134 16.80 12.25 -4.15
CA ASP A 134 17.73 11.29 -4.63
C ASP A 134 17.41 9.92 -4.15
N LEU A 135 16.86 9.81 -2.92
CA LEU A 135 16.38 8.52 -2.51
C LEU A 135 15.24 8.03 -3.41
N ALA A 136 14.31 8.93 -3.77
CA ALA A 136 13.19 8.50 -4.57
C ALA A 136 13.68 8.04 -5.99
N LEU A 137 14.64 8.76 -6.59
CA LEU A 137 15.25 8.28 -7.88
C LEU A 137 15.96 6.97 -7.70
N ASP A 138 16.63 6.74 -6.57
CA ASP A 138 17.18 5.41 -6.36
C ASP A 138 16.10 4.34 -6.36
N ILE A 139 15.01 4.64 -5.68
CA ILE A 139 13.92 3.64 -5.58
C ILE A 139 13.33 3.39 -6.99
N VAL A 140 13.09 4.45 -7.75
CA VAL A 140 12.53 4.29 -9.10
C VAL A 140 13.50 3.43 -10.00
N ASP A 141 14.78 3.78 -9.99
CA ASP A 141 15.83 3.00 -10.67
C ASP A 141 15.75 1.53 -10.29
N THR A 142 15.79 1.23 -8.99
CA THR A 142 15.68 -0.16 -8.57
C THR A 142 14.41 -0.85 -9.07
N TRP A 143 13.29 -0.13 -8.98
CA TRP A 143 12.00 -0.75 -9.26
C TRP A 143 11.93 -1.08 -10.80
N LEU A 144 12.37 -0.14 -11.62
CA LEU A 144 12.29 -0.31 -13.07
C LEU A 144 13.13 -1.48 -13.57
N LYS A 145 14.18 -1.85 -12.83
CA LYS A 145 15.12 -2.88 -13.23
C LYS A 145 14.81 -4.22 -12.66
N ALA A 146 14.02 -4.29 -11.59
CA ALA A 146 13.84 -5.59 -10.89
C ALA A 146 12.92 -6.53 -11.73
N GLU A 147 12.99 -7.83 -11.52
CA GLU A 147 12.15 -8.72 -12.34
C GLU A 147 11.38 -9.69 -11.56
N PHE A 148 10.15 -9.91 -12.02
CA PHE A 148 9.28 -10.88 -11.33
C PHE A 148 9.88 -12.27 -11.29
N GLN A 149 9.74 -12.97 -10.16
CA GLN A 149 10.42 -14.23 -9.96
C GLN A 149 9.50 -15.49 -10.11
N GLY A 150 8.22 -15.30 -10.34
CA GLY A 150 7.31 -16.41 -10.57
C GLY A 150 7.26 -17.39 -9.43
N GLY A 151 6.91 -18.63 -9.77
CA GLY A 151 6.90 -19.69 -8.79
C GLY A 151 5.85 -19.43 -7.75
N ARG A 152 6.20 -19.72 -6.50
CA ARG A 152 5.26 -19.50 -5.43
C ARG A 152 4.71 -18.03 -5.41
N HIS A 153 5.42 -17.07 -5.97
CA HIS A 153 4.97 -15.68 -6.01
C HIS A 153 3.84 -15.55 -6.99
N ALA A 154 3.85 -16.35 -8.08
CA ALA A 154 2.76 -16.30 -9.07
C ALA A 154 1.48 -16.85 -8.41
N THR A 155 1.64 -17.92 -7.65
CA THR A 155 0.55 -18.56 -6.91
C THR A 155 -0.10 -17.47 -6.02
N ARG A 156 0.75 -16.72 -5.32
CA ARG A 156 0.22 -15.70 -4.36
C ARG A 156 -0.42 -14.59 -5.05
N VAL A 157 0.16 -14.11 -6.14
CA VAL A 157 -0.54 -13.11 -6.96
C VAL A 157 -1.93 -13.63 -7.42
N GLY A 158 -2.04 -14.93 -7.74
CA GLY A 158 -3.34 -15.48 -8.19
C GLY A 158 -4.37 -15.37 -7.04
N LYS A 159 -3.94 -15.69 -5.83
CA LYS A 159 -4.77 -15.52 -4.66
C LYS A 159 -5.21 -14.04 -4.43
N ILE A 160 -4.41 -13.06 -4.86
CA ILE A 160 -4.88 -11.68 -4.82
C ILE A 160 -6.04 -11.57 -5.86
N GLY A 161 -5.84 -12.19 -7.04
CA GLY A 161 -6.88 -12.25 -8.09
C GLY A 161 -8.15 -12.89 -7.54
N GLU A 162 -8.03 -13.89 -6.65
CA GLU A 162 -9.25 -14.50 -6.13
C GLU A 162 -10.00 -13.48 -5.28
N ILE A 163 -9.28 -12.59 -4.58
CA ILE A 163 -9.99 -11.55 -3.79
C ILE A 163 -10.72 -10.65 -4.74
N GLU A 164 -10.08 -10.16 -5.80
CA GLU A 164 -10.72 -9.35 -6.77
C GLU A 164 -12.02 -10.00 -7.32
N LYS A 165 -11.94 -11.29 -7.65
CA LYS A 165 -13.07 -12.01 -8.24
C LYS A 165 -14.21 -12.15 -7.24
N LYS A 166 -13.88 -12.35 -5.97
CA LYS A 166 -14.86 -12.43 -4.91
C LYS A 166 -15.67 -11.12 -4.81
N TYR A 167 -15.02 -9.97 -4.89
CA TYR A 167 -15.72 -8.68 -4.63
C TYR A 167 -16.10 -7.95 -5.89
N SER A 168 -15.79 -8.59 -7.01
CA SER A 168 -16.18 -8.11 -8.33
C SER A 168 -17.76 -7.90 -8.60
N MET B 21 -11.49 -1.35 22.38
CA MET B 21 -11.31 -1.41 20.89
C MET B 21 -10.65 -2.75 20.52
N LYS B 22 -11.18 -3.42 19.50
CA LYS B 22 -10.64 -4.76 19.16
C LYS B 22 -9.77 -4.70 17.93
N ILE B 23 -8.62 -5.35 18.03
CA ILE B 23 -7.63 -5.28 16.93
C ILE B 23 -7.48 -6.67 16.35
N GLY B 24 -7.75 -6.85 15.07
CA GLY B 24 -7.37 -8.09 14.42
C GLY B 24 -5.90 -8.03 13.93
N ILE B 25 -5.21 -9.15 14.04
CA ILE B 25 -3.84 -9.20 13.62
C ILE B 25 -3.63 -10.44 12.74
N GLY B 26 -2.82 -10.31 11.70
CA GLY B 26 -2.53 -11.51 10.88
C GLY B 26 -1.21 -11.40 10.15
N SER B 27 -0.69 -12.53 9.69
CA SER B 27 0.62 -12.47 9.02
C SER B 27 0.84 -13.72 8.17
N ASP B 28 1.81 -13.62 7.25
CA ASP B 28 2.37 -14.89 6.76
C ASP B 28 3.56 -15.32 7.67
N HIS B 29 4.30 -16.36 7.26
CA HIS B 29 5.52 -16.81 7.97
C HIS B 29 6.58 -15.67 7.97
N GLY B 30 6.70 -14.87 6.91
CA GLY B 30 7.51 -13.61 6.87
C GLY B 30 7.22 -12.54 7.99
N GLY B 31 6.00 -12.55 8.56
CA GLY B 31 5.58 -11.56 9.60
C GLY B 31 5.17 -12.20 10.92
N TYR B 32 5.40 -13.50 11.04
CA TYR B 32 4.98 -14.25 12.21
C TYR B 32 5.63 -13.84 13.57
N ASN B 33 6.94 -13.64 13.59
CA ASN B 33 7.61 -13.29 14.85
C ASN B 33 7.28 -11.84 15.35
N LEU B 34 7.19 -10.94 14.39
CA LEU B 34 6.79 -9.59 14.67
C LEU B 34 5.31 -9.62 15.11
N LYS B 35 4.47 -10.42 14.45
CA LYS B 35 3.09 -10.57 14.92
C LYS B 35 3.01 -10.99 16.42
N ARG B 36 3.82 -11.96 16.83
CA ARG B 36 3.79 -12.41 18.23
C ARG B 36 4.16 -11.22 19.14
N GLU B 37 5.18 -10.46 18.74
CA GLU B 37 5.59 -9.28 19.54
C GLU B 37 4.55 -8.22 19.62
N ILE B 38 3.88 -7.94 18.50
CA ILE B 38 2.81 -6.91 18.51
C ILE B 38 1.53 -7.38 19.34
N ALA B 39 1.14 -8.65 19.21
CA ALA B 39 0.01 -9.23 19.95
C ALA B 39 0.28 -8.98 21.44
N ASP B 40 1.49 -9.36 21.89
CA ASP B 40 1.98 -9.15 23.29
C ASP B 40 1.95 -7.69 23.76
N PHE B 41 2.50 -6.77 22.95
CA PHE B 41 2.40 -5.31 23.17
C PHE B 41 0.94 -4.77 23.32
N LEU B 42 0.06 -5.19 22.42
CA LEU B 42 -1.32 -4.74 22.40
C LEU B 42 -2.08 -5.24 23.66
N LYS B 43 -1.91 -6.50 24.03
CA LYS B 43 -2.59 -7.04 25.25
C LYS B 43 -2.13 -6.27 26.50
N LYS B 44 -0.81 -6.14 26.68
CA LYS B 44 -0.23 -5.31 27.77
C LYS B 44 -0.87 -3.94 27.87
N ARG B 45 -1.47 -3.47 26.79
CA ARG B 45 -2.08 -2.15 26.80
C ARG B 45 -3.58 -2.23 26.96
N GLY B 46 -4.08 -3.45 27.17
CA GLY B 46 -5.51 -3.68 27.38
C GLY B 46 -6.36 -3.73 26.12
N TYR B 47 -5.77 -3.97 24.94
CA TYR B 47 -6.59 -4.18 23.74
C TYR B 47 -6.99 -5.59 23.74
N GLU B 48 -8.19 -5.82 23.20
CA GLU B 48 -8.59 -7.15 22.84
C GLU B 48 -8.03 -7.48 21.46
N VAL B 49 -7.38 -8.63 21.34
CA VAL B 49 -6.72 -9.01 20.13
C VAL B 49 -7.27 -10.33 19.58
N ILE B 50 -7.63 -10.32 18.30
CA ILE B 50 -7.98 -11.53 17.60
C ILE B 50 -6.84 -11.81 16.63
N ASP B 51 -6.17 -12.95 16.84
CA ASP B 51 -5.05 -13.39 16.03
C ASP B 51 -5.56 -14.32 14.95
N PHE B 52 -5.57 -13.88 13.68
CA PHE B 52 -6.05 -14.74 12.58
C PHE B 52 -5.00 -15.72 12.02
N GLY B 53 -3.87 -15.85 12.72
CA GLY B 53 -2.74 -16.64 12.23
C GLY B 53 -1.95 -15.83 11.19
N THR B 54 -0.95 -16.41 10.56
CA THR B 54 -0.55 -17.78 10.69
C THR B 54 0.05 -18.06 12.06
N HIS B 55 0.22 -19.35 12.34
CA HIS B 55 0.47 -19.80 13.70
C HIS B 55 1.81 -20.50 13.82
N GLY B 56 2.63 -20.42 12.77
CA GLY B 56 4.03 -20.87 12.82
C GLY B 56 4.89 -20.30 11.70
N ASN B 57 6.07 -20.89 11.53
CA ASN B 57 7.08 -20.48 10.53
C ASN B 57 7.00 -21.21 9.19
N GLU B 58 6.08 -22.18 9.11
CA GLU B 58 5.79 -22.90 7.87
C GLU B 58 5.36 -21.88 6.81
N SER B 59 5.82 -22.11 5.60
CA SER B 59 5.55 -21.25 4.49
C SER B 59 4.02 -21.23 4.17
N VAL B 60 3.42 -20.02 4.12
CA VAL B 60 1.97 -19.86 3.83
C VAL B 60 1.81 -18.64 2.93
N ASP B 61 0.58 -18.35 2.52
CA ASP B 61 0.35 -17.39 1.44
C ASP B 61 -0.23 -16.12 2.05
N TYR B 62 0.49 -15.00 1.94
CA TYR B 62 0.02 -13.72 2.54
C TYR B 62 -1.44 -13.30 2.14
N PRO B 63 -1.94 -13.58 0.90
CA PRO B 63 -3.32 -13.11 0.72
C PRO B 63 -4.38 -13.75 1.64
N ASP B 64 -4.19 -15.00 2.10
CA ASP B 64 -5.22 -15.69 2.90
C ASP B 64 -5.38 -14.98 4.25
N PHE B 65 -4.26 -14.54 4.83
CA PHE B 65 -4.32 -13.89 6.12
C PHE B 65 -4.68 -12.42 5.98
N GLY B 66 -4.22 -11.77 4.92
CA GLY B 66 -4.69 -10.43 4.54
C GLY B 66 -6.21 -10.41 4.49
N LEU B 67 -6.77 -11.39 3.77
CA LEU B 67 -8.23 -11.51 3.65
C LEU B 67 -8.92 -11.66 5.00
N LYS B 68 -8.49 -12.60 5.83
CA LYS B 68 -9.12 -12.82 7.14
C LYS B 68 -9.18 -11.52 7.97
N VAL B 69 -8.06 -10.80 8.06
CA VAL B 69 -8.05 -9.55 8.81
C VAL B 69 -8.96 -8.50 8.16
N ALA B 70 -8.85 -8.32 6.84
CA ALA B 70 -9.65 -7.36 6.16
C ALA B 70 -11.19 -7.66 6.32
N GLU B 71 -11.59 -8.92 6.18
CA GLU B 71 -12.99 -9.32 6.36
C GLU B 71 -13.49 -9.16 7.80
N ALA B 72 -12.62 -9.36 8.78
CA ALA B 72 -13.01 -9.11 10.19
C ALA B 72 -13.19 -7.62 10.45
N VAL B 73 -12.45 -6.79 9.72
CA VAL B 73 -12.62 -5.37 9.87
C VAL B 73 -13.92 -4.91 9.16
N LYS B 74 -14.15 -5.44 7.95
CA LYS B 74 -15.35 -5.09 7.20
C LYS B 74 -16.59 -5.53 7.97
N SER B 75 -16.56 -6.67 8.64
CA SER B 75 -17.76 -7.14 9.29
C SER B 75 -17.94 -6.52 10.69
N GLY B 76 -17.05 -5.61 11.12
CA GLY B 76 -17.14 -5.06 12.46
C GLY B 76 -16.75 -6.00 13.56
N GLU B 77 -16.32 -7.21 13.24
CA GLU B 77 -15.84 -8.09 14.28
C GLU B 77 -14.52 -7.61 14.94
N CYS B 78 -13.69 -6.83 14.19
CA CYS B 78 -12.53 -6.12 14.73
C CYS B 78 -12.80 -4.71 14.41
N ASP B 79 -12.35 -3.75 15.23
CA ASP B 79 -12.48 -2.35 14.78
C ASP B 79 -11.37 -1.93 13.78
N ARG B 80 -10.20 -2.53 13.91
CA ARG B 80 -9.12 -2.26 12.92
C ARG B 80 -8.17 -3.41 12.97
N GLY B 81 -7.26 -3.46 12.00
CA GLY B 81 -6.39 -4.64 11.86
C GLY B 81 -4.96 -4.24 11.63
N ILE B 82 -4.05 -5.18 11.88
CA ILE B 82 -2.63 -4.97 11.60
C ILE B 82 -2.21 -6.21 10.84
N VAL B 83 -1.58 -6.06 9.66
CA VAL B 83 -1.18 -7.22 8.86
C VAL B 83 0.34 -7.19 8.64
N ILE B 84 1.03 -8.32 8.71
CA ILE B 84 2.50 -8.24 8.67
C ILE B 84 3.02 -9.30 7.67
N CYS B 85 3.93 -8.94 6.77
CA CYS B 85 4.69 -9.94 5.98
C CYS B 85 6.11 -9.42 5.89
N GLY B 86 6.90 -9.97 5.00
CA GLY B 86 8.29 -9.56 4.90
C GLY B 86 8.38 -8.06 4.73
N THR B 87 7.64 -7.52 3.76
CA THR B 87 7.72 -6.08 3.49
C THR B 87 6.46 -5.31 3.87
N GLY B 88 5.36 -6.01 4.14
CA GLY B 88 4.06 -5.34 4.21
C GLY B 88 3.34 -5.21 2.87
N LEU B 89 4.04 -5.45 1.74
CA LEU B 89 3.41 -4.97 0.50
C LEU B 89 2.29 -5.92 0.10
N GLY B 90 2.58 -7.23 0.09
CA GLY B 90 1.72 -8.24 -0.56
C GLY B 90 0.41 -8.24 0.24
N ILE B 91 0.51 -8.25 1.55
CA ILE B 91 -0.62 -8.49 2.39
C ILE B 91 -1.52 -7.19 2.42
N SER B 92 -0.90 -6.06 2.21
CA SER B 92 -1.65 -4.81 2.19
C SER B 92 -2.36 -4.64 0.85
N ILE B 93 -1.72 -5.11 -0.23
CA ILE B 93 -2.34 -5.00 -1.55
C ILE B 93 -3.60 -5.89 -1.52
N ALA B 94 -3.44 -7.09 -0.99
CA ALA B 94 -4.52 -8.06 -0.89
C ALA B 94 -5.69 -7.49 0.02
N ALA B 95 -5.34 -7.04 1.21
CA ALA B 95 -6.33 -6.34 2.09
C ALA B 95 -7.11 -5.20 1.36
N ASN B 96 -6.41 -4.35 0.59
CA ASN B 96 -7.05 -3.31 -0.14
C ASN B 96 -8.00 -3.74 -1.27
N LYS B 97 -7.95 -5.02 -1.66
CA LYS B 97 -8.94 -5.56 -2.60
C LYS B 97 -10.37 -5.63 -2.02
N VAL B 98 -10.52 -5.57 -0.68
CA VAL B 98 -11.77 -5.63 -0.03
C VAL B 98 -12.39 -4.19 0.06
N PRO B 99 -13.64 -4.03 -0.42
CA PRO B 99 -14.32 -2.75 -0.40
C PRO B 99 -14.48 -2.29 1.07
N GLY B 100 -14.19 -1.02 1.32
CA GLY B 100 -14.30 -0.55 2.72
C GLY B 100 -12.98 -0.67 3.48
N ILE B 101 -11.96 -1.33 2.88
CA ILE B 101 -10.65 -1.49 3.58
C ILE B 101 -9.63 -0.50 3.03
N ARG B 102 -8.89 0.11 3.94
CA ARG B 102 -7.85 1.06 3.54
C ARG B 102 -6.61 0.68 4.33
N ALA B 103 -5.72 -0.09 3.67
CA ALA B 103 -4.59 -0.72 4.39
C ALA B 103 -3.35 0.13 4.03
N ALA B 104 -2.65 0.61 5.05
CA ALA B 104 -1.52 1.53 4.84
C ALA B 104 -0.16 0.87 5.21
N VAL B 105 0.76 0.70 4.26
CA VAL B 105 2.08 0.17 4.59
C VAL B 105 2.92 1.31 5.09
N CYS B 106 3.28 1.26 6.37
CA CYS B 106 4.04 2.33 7.00
C CYS B 106 5.41 1.88 7.48
N THR B 107 6.42 2.69 7.21
CA THR B 107 7.78 2.34 7.61
C THR B 107 8.29 3.39 8.60
N ASN B 108 7.43 4.37 8.98
CA ASN B 108 7.80 5.32 10.04
C ASN B 108 6.47 5.84 10.67
N SER B 109 6.57 6.46 11.86
CA SER B 109 5.42 7.04 12.57
C SER B 109 4.79 8.20 11.83
N TYR B 110 5.56 8.99 11.13
CA TYR B 110 4.90 10.06 10.32
C TYR B 110 3.84 9.45 9.34
N MET B 111 4.21 8.38 8.61
CA MET B 111 3.28 7.77 7.66
C MET B 111 2.15 7.18 8.46
N ALA B 112 2.47 6.56 9.58
CA ALA B 112 1.39 5.97 10.38
C ALA B 112 0.33 7.04 10.82
N ARG B 113 0.81 8.19 11.24
CA ARG B 113 -0.10 9.26 11.70
C ARG B 113 -0.92 9.76 10.53
N MET B 114 -0.28 10.00 9.40
CA MET B 114 -0.99 10.51 8.26
C MET B 114 -1.98 9.49 7.74
N SER B 115 -1.70 8.19 7.88
CA SER B 115 -2.59 7.25 7.28
C SER B 115 -3.99 7.32 8.05
N ARG B 116 -3.89 7.60 9.34
CA ARG B 116 -5.10 7.82 10.19
C ARG B 116 -5.72 9.20 9.93
N GLU B 117 -4.93 10.27 10.08
CA GLU B 117 -5.44 11.65 9.88
C GLU B 117 -6.04 11.92 8.54
N HIS B 118 -5.42 11.38 7.47
CA HIS B 118 -5.83 11.69 6.10
C HIS B 118 -6.59 10.59 5.40
N ASN B 119 -6.17 9.35 5.55
CA ASN B 119 -6.71 8.26 4.73
C ASN B 119 -7.68 7.45 5.55
N ASP B 120 -7.86 7.82 6.83
CA ASP B 120 -8.68 7.05 7.72
C ASP B 120 -8.40 5.55 7.61
N ALA B 121 -7.11 5.15 7.56
CA ALA B 121 -6.79 3.72 7.36
C ALA B 121 -7.35 2.81 8.43
N ASN B 122 -7.92 1.69 8.10
CA ASN B 122 -8.37 0.84 9.15
C ASN B 122 -7.53 -0.45 9.22
N ILE B 123 -6.52 -0.56 8.35
CA ILE B 123 -5.51 -1.61 8.49
C ILE B 123 -4.09 -0.96 8.39
N LEU B 124 -3.24 -1.32 9.33
CA LEU B 124 -1.87 -0.94 9.34
C LEU B 124 -1.06 -2.15 8.75
N ALA B 125 -0.22 -1.89 7.75
CA ALA B 125 0.65 -3.01 7.27
C ALA B 125 2.13 -2.77 7.57
N LEU B 126 2.83 -3.80 8.01
CA LEU B 126 4.20 -3.70 8.40
C LEU B 126 5.06 -4.78 7.71
N GLY B 127 6.35 -4.50 7.54
CA GLY B 127 7.25 -5.51 6.99
C GLY B 127 8.30 -5.92 7.99
N GLU B 128 8.18 -7.14 8.48
CA GLU B 128 9.10 -7.66 9.48
C GLU B 128 10.58 -7.60 9.02
N ARG B 129 10.84 -7.72 7.71
CA ARG B 129 12.22 -7.66 7.21
C ARG B 129 12.73 -6.25 6.90
N VAL B 130 11.87 -5.26 7.11
CA VAL B 130 12.19 -3.90 6.75
C VAL B 130 12.32 -3.05 8.03
N VAL B 131 11.37 -3.20 8.97
CA VAL B 131 11.42 -2.35 10.20
C VAL B 131 11.79 -3.24 11.38
N GLY B 132 12.77 -2.82 12.19
CA GLY B 132 13.16 -3.51 13.42
C GLY B 132 12.01 -3.42 14.45
N LEU B 133 12.10 -4.21 15.50
CA LEU B 133 11.01 -4.39 16.42
C LEU B 133 10.62 -3.02 17.04
N ASP B 134 11.56 -2.24 17.59
CA ASP B 134 11.16 -1.10 18.38
C ASP B 134 10.61 -0.03 17.50
N LEU B 135 11.12 0.05 16.27
CA LEU B 135 10.54 0.99 15.33
C LEU B 135 9.09 0.57 15.01
N ALA B 136 8.84 -0.73 14.81
CA ALA B 136 7.51 -1.18 14.45
C ALA B 136 6.51 -0.87 15.63
N LEU B 137 6.95 -1.11 16.87
CA LEU B 137 6.12 -0.71 18.06
C LEU B 137 5.89 0.76 18.12
N ASP B 138 6.85 1.60 17.70
CA ASP B 138 6.56 3.04 17.66
C ASP B 138 5.49 3.34 16.65
N ILE B 139 5.59 2.67 15.51
CA ILE B 139 4.63 2.89 14.44
C ILE B 139 3.23 2.46 14.89
N VAL B 140 3.13 1.29 15.49
CA VAL B 140 1.82 0.79 15.95
C VAL B 140 1.20 1.74 17.02
N ASP B 141 2.01 2.15 18.00
CA ASP B 141 1.59 3.16 19.01
C ASP B 141 1.08 4.43 18.33
N THR B 142 1.86 5.01 17.41
CA THR B 142 1.38 6.19 16.70
C THR B 142 0.04 5.96 15.97
N TRP B 143 -0.07 4.81 15.30
CA TRP B 143 -1.21 4.59 14.42
C TRP B 143 -2.46 4.42 15.28
N LEU B 144 -2.32 3.73 16.43
CA LEU B 144 -3.48 3.43 17.29
C LEU B 144 -4.06 4.69 17.91
N LYS B 145 -3.23 5.72 18.04
CA LYS B 145 -3.55 6.94 18.78
C LYS B 145 -4.00 8.07 17.86
N ALA B 146 -3.68 8.00 16.57
CA ALA B 146 -3.92 9.13 15.66
C ALA B 146 -5.42 9.20 15.28
N GLU B 147 -5.94 10.35 14.87
CA GLU B 147 -7.38 10.39 14.59
C GLU B 147 -7.72 10.97 13.28
N PHE B 148 -8.74 10.38 12.65
CA PHE B 148 -9.19 10.88 11.33
C PHE B 148 -9.59 12.36 11.39
N GLN B 149 -9.19 13.15 10.40
CA GLN B 149 -9.42 14.58 10.41
C GLN B 149 -10.66 15.06 9.60
N GLY B 150 -11.34 14.13 8.94
CA GLY B 150 -12.49 14.46 8.10
C GLY B 150 -12.23 15.55 7.12
N GLY B 151 -13.27 16.35 6.83
CA GLY B 151 -13.09 17.44 5.91
C GLY B 151 -12.81 16.98 4.50
N ARG B 152 -11.92 17.70 3.81
CA ARG B 152 -11.54 17.27 2.49
C ARG B 152 -11.01 15.78 2.43
N HIS B 153 -10.53 15.24 3.55
CA HIS B 153 -10.03 13.88 3.60
C HIS B 153 -11.18 12.89 3.47
N ALA B 154 -12.38 13.27 3.97
CA ALA B 154 -13.56 12.42 3.87
C ALA B 154 -14.01 12.41 2.40
N THR B 155 -13.92 13.58 1.75
CA THR B 155 -14.28 13.70 0.35
C THR B 155 -13.42 12.69 -0.45
N ARG B 156 -12.13 12.69 -0.12
CA ARG B 156 -11.17 11.89 -0.91
C ARG B 156 -11.37 10.46 -0.63
N VAL B 157 -11.61 10.09 0.62
CA VAL B 157 -12.02 8.73 0.96
C VAL B 157 -13.32 8.29 0.19
N GLY B 158 -14.28 9.20 -0.01
CA GLY B 158 -15.47 8.84 -0.80
C GLY B 158 -15.07 8.50 -2.23
N LYS B 159 -14.18 9.32 -2.82
CA LYS B 159 -13.66 9.04 -4.15
C LYS B 159 -12.94 7.66 -4.22
N ILE B 160 -12.33 7.18 -3.13
CA ILE B 160 -11.85 5.80 -3.11
C ILE B 160 -13.06 4.85 -3.21
N GLY B 161 -14.11 5.16 -2.43
CA GLY B 161 -15.33 4.38 -2.48
C GLY B 161 -15.91 4.39 -3.89
N GLU B 162 -15.75 5.46 -4.66
CA GLU B 162 -16.31 5.42 -5.99
C GLU B 162 -15.53 4.46 -6.90
N ILE B 163 -14.21 4.33 -6.67
CA ILE B 163 -13.47 3.29 -7.41
C ILE B 163 -14.03 1.92 -7.09
N GLU B 164 -14.21 1.59 -5.80
CA GLU B 164 -14.76 0.34 -5.42
C GLU B 164 -16.12 0.07 -6.09
N LYS B 165 -17.02 1.10 -6.13
CA LYS B 165 -18.34 0.94 -6.75
C LYS B 165 -18.23 0.71 -8.23
N LYS B 166 -17.29 1.37 -8.89
CA LYS B 166 -17.05 1.16 -10.29
C LYS B 166 -16.71 -0.32 -10.61
N TYR B 167 -15.93 -0.99 -9.77
CA TYR B 167 -15.39 -2.32 -10.16
C TYR B 167 -16.04 -3.43 -9.39
N SER B 168 -16.99 -3.02 -8.56
CA SER B 168 -17.79 -3.95 -7.82
C SER B 168 -18.61 -4.97 -8.76
#